data_1IE2
#
_entry.id   1IE2
#
_entity_poly.entity_id   1
_entity_poly.type   'polyribonucleotide'
_entity_poly.pdbx_seq_one_letter_code
;GGCCGAAAUCCCGAAGUAGGCC
;
_entity_poly.pdbx_strand_id   A
#